data_4F7L
#
_entry.id   4F7L
#
_cell.length_a   71.819
_cell.length_b   71.242
_cell.length_c   171.705
_cell.angle_alpha   90.00
_cell.angle_beta   90.00
_cell.angle_gamma   90.00
#
_symmetry.space_group_name_H-M   'P 21 21 21'
#
loop_
_entity.id
_entity.type
_entity.pdbx_description
1 polymer 'Cyclin-dependent kinase 8'
2 polymer Cyclin-C
3 non-polymer 'tert-butyl [3-({[3-tert-butyl-1-(4-methylphenyl)-1H-pyrazol-5-yl]carbamoyl}amino)propyl]carbamate'
4 water water
#
loop_
_entity_poly.entity_id
_entity_poly.type
_entity_poly.pdbx_seq_one_letter_code
_entity_poly.pdbx_strand_id
1 'polypeptide(L)'
;DKMDYDFKVKLSSERERVEDLFEYEGCKVGRGTYGHVYKAKRKDGKDDKDYALKQIEGTGISMSACREIALLRELKHPNV
ISLQKVFLSHADRKVWLLFDYAEHDLWHIIKFHRASKANKKPVQLPRGMVKSLLYQILDGIHYLHANWVLHRDLKPANIL
VMGEGPERGRVKIADMGFARLFNSPLKPLADLDPVVVTFWYRAPELLLGARHYTKAIDIWAIGCIFAELLTSEPIFHCRQ
EDIKTSNPYHHDQLDRIFNVMGFPADKDWEDIKKMPEHSTLMKDFRRNTYTNCSLIKYMEKHKVKPDSKAFHLLQKLLTM
DPIKRITSEQAMQDPYFLEDPLPTSDVFAGCQIPYPKREFLTEEEPDDKGDKKNQQQQQGNNHTNGTGHPGNQDSSHTQG
PPLKK
;
A
2 'polypeptide(L)'
;DDKAMAGNFWQSSHYLQWILDKQDLLKERQKDLKFLSEEEYWKLQIFFTNVIQALGEHLKLRQQVIATATVYFKRFYARY
SLKSIDPVLMAPTCVFLASKVEEFGVVSNTRLIAAATSVLKTRFSYAFPKEFPYRMNHILECEFYLLELMDCCLIVYHPY
RPLLQYVQDMGQEDMLLPLAWRIVNDTYRTDLCLLYPPFMIALACLHVACVVQQKDARQWFAELSVDMEKILEIIRVILK
LYEQWKNFDERKEMATILSKMPKPKPPPNSEGEQGPNGSQNSSYSQS
;
B
#
# COMPACT_ATOMS: atom_id res chain seq x y z
N ASP A 1 12.10 26.40 -18.44
CA ASP A 1 11.42 25.15 -17.96
C ASP A 1 10.47 24.55 -19.02
N LYS A 2 9.81 25.41 -19.81
CA LYS A 2 8.74 24.99 -20.75
C LYS A 2 7.57 24.27 -20.04
N MET A 3 7.22 24.80 -18.85
CA MET A 3 6.10 24.36 -18.02
C MET A 3 5.36 25.61 -17.58
N ASP A 4 4.03 25.61 -17.68
CA ASP A 4 3.23 26.83 -17.57
C ASP A 4 3.46 27.61 -16.26
N TYR A 5 3.73 28.91 -16.39
CA TYR A 5 4.13 29.77 -15.28
C TYR A 5 2.96 30.09 -14.32
N ASP A 6 1.79 30.34 -14.87
CA ASP A 6 0.61 30.66 -14.06
C ASP A 6 0.23 29.47 -13.20
N PHE A 7 0.07 28.31 -13.87
CA PHE A 7 -0.09 27.00 -13.20
C PHE A 7 0.92 26.79 -12.06
N LYS A 8 2.19 27.09 -12.31
CA LYS A 8 3.25 26.92 -11.30
C LYS A 8 3.15 27.88 -10.11
N VAL A 9 2.86 29.15 -10.36
CA VAL A 9 2.67 30.15 -9.28
C VAL A 9 1.37 29.97 -8.49
N LYS A 10 0.30 29.50 -9.15
CA LYS A 10 -0.97 29.21 -8.46
C LYS A 10 -0.78 28.08 -7.44
N LEU A 11 -0.30 26.93 -7.93
CA LEU A 11 -0.08 25.75 -7.07
C LEU A 11 0.93 26.05 -5.96
N SER A 12 1.94 26.86 -6.29
CA SER A 12 2.95 27.24 -5.32
C SER A 12 2.34 28.08 -4.19
N SER A 13 1.55 29.09 -4.57
CA SER A 13 0.81 29.95 -3.62
C SER A 13 -0.11 29.13 -2.74
N GLU A 14 -0.99 28.35 -3.37
CA GLU A 14 -1.98 27.55 -2.64
C GLU A 14 -1.38 26.41 -1.80
N ARG A 15 -0.19 25.94 -2.14
CA ARG A 15 0.42 24.79 -1.45
C ARG A 15 0.70 25.05 0.02
N GLU A 16 0.25 24.12 0.88
CA GLU A 16 0.55 24.17 2.30
C GLU A 16 1.96 23.66 2.55
N ARG A 17 2.69 24.37 3.41
CA ARG A 17 4.05 24.02 3.82
C ARG A 17 4.04 23.61 5.30
N VAL A 18 4.75 22.53 5.61
CA VAL A 18 4.80 21.96 6.96
C VAL A 18 5.19 23.00 8.03
N GLU A 19 6.17 23.85 7.74
CA GLU A 19 6.68 24.85 8.69
C GLU A 19 5.75 26.06 8.92
N ASP A 20 4.87 26.36 7.96
CA ASP A 20 3.83 27.39 8.13
C ASP A 20 2.73 26.84 9.02
N LEU A 21 2.24 25.64 8.66
CA LEU A 21 1.11 25.01 9.35
C LEU A 21 1.45 24.50 10.76
N PHE A 22 2.59 23.82 10.93
CA PHE A 22 2.95 23.17 12.22
C PHE A 22 4.18 23.73 12.96
N GLU A 23 4.03 23.90 14.29
CA GLU A 23 5.16 24.18 15.21
C GLU A 23 5.76 22.85 15.66
N TYR A 24 7.05 22.63 15.36
CA TYR A 24 7.69 21.32 15.59
C TYR A 24 9.18 21.31 15.97
N GLU A 25 9.90 22.42 15.79
CA GLU A 25 11.37 22.41 15.94
C GLU A 25 11.74 22.26 17.41
N GLY A 26 12.82 21.51 17.66
CA GLY A 26 13.25 21.18 19.02
C GLY A 26 12.50 20.02 19.68
N CYS A 27 11.40 19.59 19.05
CA CYS A 27 10.49 18.60 19.62
C CYS A 27 10.66 17.27 18.91
N LYS A 28 11.91 16.84 18.72
CA LYS A 28 12.21 15.55 18.08
C LYS A 28 11.94 14.43 19.09
N VAL A 29 11.22 13.39 18.67
CA VAL A 29 10.84 12.27 19.56
C VAL A 29 11.38 10.89 19.14
N GLY A 30 12.02 10.82 17.99
CA GLY A 30 12.58 9.57 17.49
C GLY A 30 13.47 9.80 16.29
N ARG A 31 14.61 9.10 16.25
CA ARG A 31 15.48 9.01 15.08
C ARG A 31 15.10 7.73 14.30
N GLY A 32 16.06 7.10 13.63
CA GLY A 32 15.84 5.81 12.99
C GLY A 32 16.22 5.82 11.52
N THR A 33 16.14 4.64 10.90
CA THR A 33 16.50 4.47 9.50
C THR A 33 15.54 5.24 8.60
N TYR A 34 14.24 5.06 8.83
CA TYR A 34 13.19 5.57 7.93
C TYR A 34 12.77 7.04 8.12
N GLY A 35 13.49 7.78 8.98
CA GLY A 35 13.25 9.21 9.17
C GLY A 35 13.50 9.73 10.57
N HIS A 36 13.29 11.03 10.76
CA HIS A 36 13.22 11.66 12.08
C HIS A 36 11.75 12.03 12.38
N VAL A 37 11.28 11.75 13.60
CA VAL A 37 9.89 12.00 14.01
C VAL A 37 9.83 13.09 15.06
N TYR A 38 8.99 14.10 14.82
CA TYR A 38 8.79 15.20 15.76
C TYR A 38 7.35 15.20 16.30
N LYS A 39 7.22 15.56 17.58
CA LYS A 39 5.92 15.77 18.24
C LYS A 39 5.49 17.21 17.96
N ALA A 40 4.38 17.38 17.24
CA ALA A 40 4.07 18.67 16.62
C ALA A 40 2.63 19.08 16.88
N LYS A 41 2.46 20.17 17.64
CA LYS A 41 1.19 20.88 17.67
C LYS A 41 1.14 21.80 16.46
N ARG A 42 -0.02 22.42 16.25
CA ARG A 42 -0.25 23.38 15.17
C ARG A 42 0.04 24.83 15.64
N LYS A 43 0.58 25.65 14.73
CA LYS A 43 0.80 27.08 14.99
C LYS A 43 -0.52 27.86 15.08
N ASP A 44 -1.41 27.58 14.12
CA ASP A 44 -2.67 28.29 13.93
C ASP A 44 -3.85 27.66 14.68
N GLY A 45 -3.99 28.03 15.95
CA GLY A 45 -5.22 27.93 16.74
C GLY A 45 -6.03 26.64 16.78
N LYS A 46 -6.64 26.27 15.64
CA LYS A 46 -7.71 25.26 15.58
C LYS A 46 -7.27 23.78 15.79
N ASP A 47 -6.66 23.51 16.95
CA ASP A 47 -6.24 22.17 17.37
C ASP A 47 -5.64 22.19 18.77
N ASP A 48 -6.02 21.22 19.59
CA ASP A 48 -5.29 20.86 20.80
C ASP A 48 -4.48 19.57 20.57
N LYS A 49 -4.76 18.86 19.47
CA LYS A 49 -4.16 17.56 19.17
C LYS A 49 -2.68 17.71 18.79
N ASP A 50 -1.82 16.94 19.45
CA ASP A 50 -0.46 16.72 18.99
C ASP A 50 -0.50 15.84 17.76
N TYR A 51 0.51 15.93 16.91
CA TYR A 51 0.65 15.02 15.77
C TYR A 51 2.10 14.54 15.64
N ALA A 52 2.28 13.26 15.34
CA ALA A 52 3.60 12.73 14.97
C ALA A 52 3.90 13.22 13.56
N LEU A 53 4.90 14.09 13.43
CA LEU A 53 5.29 14.66 12.14
C LEU A 53 6.62 14.05 11.72
N LYS A 54 6.62 13.31 10.62
CA LYS A 54 7.76 12.47 10.22
C LYS A 54 8.41 12.91 8.92
N GLN A 55 9.65 13.39 9.00
CA GLN A 55 10.46 13.66 7.80
C GLN A 55 11.13 12.36 7.38
N ILE A 56 10.66 11.80 6.27
CA ILE A 56 11.29 10.62 5.66
C ILE A 56 12.81 10.83 5.43
N GLU A 57 13.59 9.79 5.67
CA GLU A 57 15.01 9.82 5.37
C GLU A 57 15.14 9.97 3.86
N GLY A 58 15.86 11.00 3.44
CA GLY A 58 16.27 11.15 2.05
C GLY A 58 15.40 12.04 1.18
N THR A 59 15.87 12.17 -0.06
CA THR A 59 15.28 12.98 -1.10
C THR A 59 14.30 12.16 -1.95
N GLY A 60 13.31 12.86 -2.49
CA GLY A 60 12.49 12.35 -3.57
C GLY A 60 11.49 11.32 -3.13
N ILE A 61 10.80 10.74 -4.12
CA ILE A 61 9.78 9.73 -3.86
C ILE A 61 10.47 8.38 -3.99
N SER A 62 11.18 8.01 -2.94
CA SER A 62 11.91 6.74 -2.89
C SER A 62 10.95 5.58 -2.82
N MET A 63 11.50 4.37 -3.03
CA MET A 63 10.71 3.15 -2.93
C MET A 63 10.07 3.00 -1.56
N SER A 64 10.80 3.38 -0.51
CA SER A 64 10.22 3.38 0.83
C SER A 64 9.19 4.48 1.03
N ALA A 65 9.43 5.65 0.45
CA ALA A 65 8.47 6.76 0.50
C ALA A 65 7.20 6.33 -0.18
N CYS A 66 7.37 5.80 -1.38
CA CYS A 66 6.27 5.46 -2.26
C CYS A 66 5.38 4.42 -1.64
N ARG A 67 5.97 3.33 -1.14
CA ARG A 67 5.24 2.26 -0.41
C ARG A 67 4.44 2.79 0.77
N GLU A 68 5.12 3.40 1.73
CA GLU A 68 4.47 3.89 2.96
C GLU A 68 3.25 4.73 2.63
N ILE A 69 3.44 5.64 1.67
CA ILE A 69 2.35 6.48 1.16
C ILE A 69 1.27 5.57 0.53
N ALA A 70 1.64 4.83 -0.50
CA ALA A 70 0.68 3.99 -1.20
C ALA A 70 -0.33 3.35 -0.24
N LEU A 71 0.18 2.64 0.77
CA LEU A 71 -0.66 1.80 1.64
C LEU A 71 -1.51 2.60 2.61
N LEU A 72 -0.86 3.38 3.47
CA LEU A 72 -1.57 4.12 4.52
C LEU A 72 -2.60 5.11 4.01
N ARG A 73 -2.42 5.54 2.77
CA ARG A 73 -3.41 6.32 2.06
C ARG A 73 -4.76 5.59 1.87
N GLU A 74 -4.74 4.26 1.93
CA GLU A 74 -5.94 3.41 1.80
C GLU A 74 -6.48 2.85 3.12
N LEU A 75 -5.60 2.65 4.10
CA LEU A 75 -5.95 1.84 5.26
C LEU A 75 -6.73 2.65 6.26
N LYS A 76 -7.86 2.11 6.72
CA LYS A 76 -8.68 2.68 7.80
C LYS A 76 -9.21 1.61 8.75
N HIS A 77 -8.59 1.52 9.91
CA HIS A 77 -9.08 0.69 11.03
C HIS A 77 -8.68 1.44 12.29
N PRO A 78 -9.47 1.33 13.36
CA PRO A 78 -9.09 2.06 14.58
C PRO A 78 -7.76 1.66 15.26
N ASN A 79 -7.19 0.50 14.87
CA ASN A 79 -5.94 -0.05 15.44
C ASN A 79 -4.73 -0.12 14.51
N VAL A 80 -4.86 0.43 13.31
CA VAL A 80 -3.72 0.77 12.47
C VAL A 80 -3.48 2.26 12.62
N ILE A 81 -2.21 2.67 12.55
CA ILE A 81 -1.82 4.09 12.60
C ILE A 81 -2.42 4.81 11.39
N SER A 82 -2.84 6.06 11.59
CA SER A 82 -3.55 6.82 10.55
C SER A 82 -2.72 7.98 9.97
N LEU A 83 -2.68 8.08 8.64
CA LEU A 83 -1.97 9.16 7.94
C LEU A 83 -2.94 10.31 7.71
N GLN A 84 -2.79 11.39 8.48
CA GLN A 84 -3.66 12.57 8.32
C GLN A 84 -3.39 13.31 7.01
N LYS A 85 -2.12 13.48 6.64
CA LYS A 85 -1.73 14.26 5.46
C LYS A 85 -0.29 14.00 5.01
N VAL A 86 -0.03 14.12 3.70
CA VAL A 86 1.33 14.18 3.13
C VAL A 86 1.72 15.64 2.79
N PHE A 87 2.97 16.02 3.07
CA PHE A 87 3.56 17.30 2.59
C PHE A 87 4.74 17.02 1.67
N LEU A 88 4.61 17.41 0.41
CA LEU A 88 5.72 17.40 -0.53
C LEU A 88 6.34 18.82 -0.57
N SER A 89 7.65 18.89 -0.32
CA SER A 89 8.40 20.15 -0.19
C SER A 89 9.30 20.28 -1.39
N HIS A 90 8.85 21.09 -2.37
CA HIS A 90 9.48 21.16 -3.69
C HIS A 90 10.91 21.68 -3.66
N ALA A 91 11.18 22.58 -2.71
CA ALA A 91 12.50 23.19 -2.54
C ALA A 91 13.58 22.12 -2.38
N ASP A 92 13.56 21.42 -1.25
CA ASP A 92 14.55 20.37 -0.91
C ASP A 92 14.14 18.95 -1.31
N ARG A 93 12.92 18.78 -1.81
CA ARG A 93 12.33 17.47 -2.18
C ARG A 93 12.23 16.41 -1.04
N LYS A 94 12.21 16.87 0.22
CA LYS A 94 11.97 15.99 1.36
C LYS A 94 10.47 15.76 1.48
N VAL A 95 10.06 14.55 1.83
CA VAL A 95 8.63 14.19 1.98
C VAL A 95 8.26 14.11 3.47
N TRP A 96 7.22 14.85 3.88
CA TRP A 96 6.74 14.80 5.26
C TRP A 96 5.39 14.12 5.36
N LEU A 97 5.18 13.38 6.45
CA LEU A 97 3.95 12.65 6.73
C LEU A 97 3.48 12.94 8.15
N LEU A 98 2.18 13.21 8.29
CA LEU A 98 1.54 13.49 9.56
C LEU A 98 0.79 12.24 10.04
N PHE A 99 0.85 11.98 11.33
CA PHE A 99 0.21 10.83 11.96
C PHE A 99 -0.25 11.25 13.33
N ASP A 100 -1.43 10.81 13.77
CA ASP A 100 -1.94 11.29 15.06
C ASP A 100 -1.00 10.80 16.17
N TYR A 101 -0.74 11.63 17.16
CA TYR A 101 0.34 11.40 18.10
C TYR A 101 -0.06 10.43 19.19
N ALA A 102 0.48 9.20 19.11
CA ALA A 102 0.34 8.20 20.18
C ALA A 102 1.38 8.40 21.28
N GLU A 103 0.94 8.76 22.47
CA GLU A 103 1.86 9.10 23.56
C GLU A 103 2.82 7.95 23.93
N HIS A 104 2.29 6.72 24.00
CA HIS A 104 3.02 5.55 24.51
C HIS A 104 3.18 4.41 23.49
N ASP A 105 3.97 3.40 23.89
CA ASP A 105 4.05 2.11 23.21
C ASP A 105 4.34 0.96 24.18
N LEU A 106 4.26 -0.26 23.68
CA LEU A 106 4.51 -1.45 24.51
C LEU A 106 5.98 -1.67 24.91
N TRP A 107 6.92 -1.04 24.22
CA TRP A 107 8.32 -1.10 24.64
C TRP A 107 8.52 -0.34 25.93
N HIS A 108 7.91 0.85 26.02
CA HIS A 108 8.01 1.71 27.21
C HIS A 108 7.16 1.21 28.39
N ILE A 109 5.96 0.70 28.12
CA ILE A 109 5.11 0.16 29.20
C ILE A 109 5.77 -1.03 29.88
N ILE A 110 6.12 -2.06 29.11
CA ILE A 110 6.70 -3.30 29.66
C ILE A 110 7.96 -2.97 30.45
N LYS A 111 8.86 -2.19 29.84
CA LYS A 111 10.05 -1.67 30.53
C LYS A 111 9.71 -1.03 31.89
N PHE A 112 8.65 -0.22 31.92
CA PHE A 112 8.25 0.50 33.14
C PHE A 112 7.86 -0.47 34.25
N HIS A 113 7.11 -1.50 33.88
CA HIS A 113 6.83 -2.62 34.79
C HIS A 113 8.09 -3.41 35.17
N ARG A 114 8.96 -3.65 34.18
CA ARG A 114 10.23 -4.37 34.41
C ARG A 114 11.22 -3.62 35.33
N ALA A 115 10.99 -2.34 35.59
CA ALA A 115 11.73 -1.57 36.61
C ALA A 115 11.22 -1.75 38.06
N SER A 116 10.12 -2.50 38.25
CA SER A 116 9.58 -2.79 39.59
C SER A 116 9.25 -4.27 39.77
N GLN A 124 3.19 -6.62 38.86
CA GLN A 124 3.06 -7.24 37.54
C GLN A 124 2.09 -6.49 36.65
N LEU A 125 2.11 -6.81 35.35
CA LEU A 125 1.36 -6.05 34.36
C LEU A 125 -0.13 -6.42 34.44
N PRO A 126 -1.02 -5.46 34.84
CA PRO A 126 -2.46 -5.73 35.08
C PRO A 126 -3.14 -6.53 33.97
N ARG A 127 -4.02 -7.46 34.35
CA ARG A 127 -4.48 -8.51 33.44
C ARG A 127 -5.59 -8.10 32.47
N GLY A 128 -6.56 -7.29 32.96
CA GLY A 128 -7.58 -6.69 32.07
C GLY A 128 -6.96 -5.90 30.93
N MET A 129 -5.93 -5.13 31.26
CA MET A 129 -5.10 -4.43 30.30
C MET A 129 -4.43 -5.41 29.33
N VAL A 130 -3.84 -6.48 29.88
CA VAL A 130 -3.09 -7.46 29.07
C VAL A 130 -3.98 -8.06 28.00
N LYS A 131 -5.16 -8.52 28.43
CA LYS A 131 -6.15 -9.11 27.53
C LYS A 131 -6.71 -8.08 26.53
N SER A 132 -6.92 -6.83 26.97
CA SER A 132 -7.33 -5.79 26.01
C SER A 132 -6.25 -5.50 24.96
N LEU A 133 -5.00 -5.31 25.42
CA LEU A 133 -3.88 -5.05 24.51
C LEU A 133 -3.80 -6.07 23.38
N LEU A 134 -3.83 -7.35 23.73
CA LEU A 134 -3.80 -8.43 22.73
C LEU A 134 -4.98 -8.38 21.80
N TYR A 135 -6.17 -8.13 22.33
CA TYR A 135 -7.39 -8.19 21.53
C TYR A 135 -7.37 -7.15 20.41
N GLN A 136 -6.91 -5.94 20.73
CA GLN A 136 -6.82 -4.88 19.74
C GLN A 136 -5.69 -5.16 18.72
N ILE A 137 -4.53 -5.60 19.23
CA ILE A 137 -3.41 -6.05 18.37
C ILE A 137 -3.90 -7.06 17.36
N LEU A 138 -4.79 -7.95 17.78
CA LEU A 138 -5.36 -8.94 16.87
C LEU A 138 -6.35 -8.36 15.84
N ASP A 139 -7.17 -7.40 16.30
CA ASP A 139 -8.22 -6.77 15.49
C ASP A 139 -7.60 -5.94 14.37
N GLY A 140 -6.51 -5.26 14.72
CA GLY A 140 -5.74 -4.51 13.73
C GLY A 140 -5.01 -5.39 12.75
N ILE A 141 -4.37 -6.46 13.24
CA ILE A 141 -3.62 -7.36 12.38
C ILE A 141 -4.53 -8.20 11.47
N HIS A 142 -5.71 -8.55 11.97
CA HIS A 142 -6.67 -9.25 11.15
C HIS A 142 -7.11 -8.38 9.98
N TYR A 143 -7.36 -7.09 10.25
CA TYR A 143 -7.67 -6.11 9.21
C TYR A 143 -6.56 -6.10 8.16
N LEU A 144 -5.30 -5.97 8.60
CA LEU A 144 -4.17 -5.91 7.66
C LEU A 144 -4.04 -7.20 6.83
N HIS A 145 -4.18 -8.35 7.50
CA HIS A 145 -4.16 -9.64 6.83
C HIS A 145 -5.32 -9.83 5.86
N ALA A 146 -6.53 -9.40 6.24
CA ALA A 146 -7.70 -9.41 5.35
C ALA A 146 -7.40 -8.69 4.03
N ASN A 147 -6.71 -7.57 4.12
CA ASN A 147 -6.30 -6.80 2.93
C ASN A 147 -4.94 -7.21 2.36
N TRP A 148 -4.50 -8.43 2.67
CA TRP A 148 -3.23 -8.98 2.21
C TRP A 148 -2.03 -8.08 2.43
N VAL A 149 -1.98 -7.47 3.62
CA VAL A 149 -0.91 -6.55 4.01
C VAL A 149 -0.20 -7.14 5.24
N LEU A 150 1.03 -7.62 5.06
CA LEU A 150 1.81 -8.22 6.15
C LEU A 150 2.72 -7.19 6.83
N HIS A 151 2.76 -7.21 8.16
CA HIS A 151 3.59 -6.25 8.92
C HIS A 151 5.10 -6.54 8.83
N ARG A 152 5.46 -7.82 9.02
CA ARG A 152 6.83 -8.36 8.77
C ARG A 152 7.86 -8.13 9.89
N ASP A 153 7.51 -7.40 10.94
CA ASP A 153 8.47 -7.00 11.96
C ASP A 153 7.76 -6.50 13.22
N LEU A 154 6.77 -7.27 13.67
CA LEU A 154 6.02 -6.94 14.87
C LEU A 154 6.90 -7.10 16.11
N LYS A 155 6.68 -6.22 17.09
CA LYS A 155 7.38 -6.24 18.37
C LYS A 155 6.90 -5.06 19.18
N PRO A 156 7.10 -5.10 20.52
CA PRO A 156 6.58 -4.04 21.40
C PRO A 156 6.86 -2.59 20.96
N ALA A 157 8.07 -2.30 20.50
CA ALA A 157 8.37 -0.95 19.98
C ALA A 157 7.40 -0.47 18.89
N ASN A 158 6.75 -1.41 18.18
CA ASN A 158 5.76 -1.15 17.12
C ASN A 158 4.31 -1.40 17.51
N ILE A 159 4.01 -1.38 18.81
CA ILE A 159 2.61 -1.34 19.26
C ILE A 159 2.45 -0.03 20.01
N LEU A 160 1.89 0.98 19.34
CA LEU A 160 1.69 2.29 19.95
C LEU A 160 0.39 2.26 20.74
N VAL A 161 0.30 3.05 21.81
CA VAL A 161 -0.94 3.15 22.60
C VAL A 161 -1.26 4.63 22.88
N MET A 162 -2.43 5.08 22.41
CA MET A 162 -2.80 6.50 22.50
C MET A 162 -2.93 6.94 23.97
N GLY A 163 -2.53 8.18 24.23
CA GLY A 163 -2.61 8.76 25.58
C GLY A 163 -3.93 9.46 25.77
N GLU A 164 -3.94 10.45 26.66
CA GLU A 164 -5.17 11.19 26.97
C GLU A 164 -5.70 11.89 25.74
N GLY A 165 -7.02 11.91 25.63
CA GLY A 165 -7.72 12.40 24.43
C GLY A 165 -8.94 11.54 24.11
N PRO A 166 -9.57 11.79 22.94
CA PRO A 166 -10.74 11.00 22.54
C PRO A 166 -10.45 9.54 22.13
N GLU A 167 -9.19 9.10 22.22
CA GLU A 167 -8.82 7.72 21.93
C GLU A 167 -8.03 7.11 23.09
N ARG A 168 -8.32 7.59 24.29
CA ARG A 168 -7.73 7.07 25.54
C ARG A 168 -7.48 5.55 25.56
N GLY A 169 -6.20 5.16 25.46
CA GLY A 169 -5.78 3.75 25.61
C GLY A 169 -6.22 2.79 24.52
N ARG A 170 -5.98 3.14 23.26
CA ARG A 170 -6.35 2.30 22.12
C ARG A 170 -5.10 1.92 21.33
N VAL A 171 -4.82 0.62 21.21
CA VAL A 171 -3.64 0.13 20.50
C VAL A 171 -3.64 0.65 19.07
N LYS A 172 -2.48 1.14 18.62
CA LYS A 172 -2.29 1.57 17.24
C LYS A 172 -1.07 0.86 16.69
N ILE A 173 -1.29 -0.03 15.73
CA ILE A 173 -0.21 -0.74 15.03
C ILE A 173 0.54 0.25 14.10
N ALA A 174 1.88 0.19 14.14
CA ALA A 174 2.75 1.06 13.35
C ALA A 174 4.02 0.36 12.87
N ASP A 175 4.74 0.96 11.93
CA ASP A 175 6.05 0.46 11.50
C ASP A 175 7.07 1.61 11.52
N MET A 176 8.17 1.43 12.24
CA MET A 176 9.21 2.46 12.43
C MET A 176 10.40 2.22 11.49
N GLY A 177 11.14 1.13 11.73
CA GLY A 177 12.36 0.79 10.96
C GLY A 177 13.11 -0.43 11.49
N THR A 198 17.44 -6.95 16.45
CA THR A 198 17.05 -8.13 17.26
C THR A 198 16.21 -9.15 16.49
N PHE A 199 16.25 -10.40 16.95
CA PHE A 199 15.55 -11.49 16.31
C PHE A 199 14.59 -12.17 17.30
N TRP A 200 14.16 -11.42 18.31
CA TRP A 200 13.38 -12.00 19.42
C TRP A 200 11.94 -12.36 19.04
N TYR A 201 11.41 -11.69 18.01
CA TYR A 201 10.01 -11.85 17.61
C TYR A 201 9.90 -12.57 16.27
N ARG A 202 11.02 -13.14 15.81
CA ARG A 202 11.04 -13.83 14.52
C ARG A 202 10.71 -15.31 14.67
N ALA A 203 9.81 -15.80 13.80
CA ALA A 203 9.44 -17.21 13.77
C ALA A 203 10.63 -18.09 13.37
N PRO A 204 10.65 -19.36 13.84
CA PRO A 204 11.79 -20.25 13.53
C PRO A 204 12.06 -20.44 12.03
N GLU A 205 11.02 -20.59 11.22
CA GLU A 205 11.21 -20.76 9.78
C GLU A 205 12.04 -19.61 9.16
N LEU A 206 11.78 -18.36 9.56
CA LEU A 206 12.64 -17.24 9.14
C LEU A 206 14.10 -17.50 9.54
N LEU A 207 14.29 -17.93 10.80
CA LEU A 207 15.62 -18.31 11.32
C LEU A 207 16.24 -19.57 10.62
N LEU A 208 15.38 -20.44 10.11
CA LEU A 208 15.84 -21.53 9.24
C LEU A 208 15.80 -21.14 7.76
N GLY A 209 15.86 -19.83 7.48
CA GLY A 209 16.00 -19.32 6.12
C GLY A 209 14.81 -19.42 5.20
N ALA A 210 13.59 -19.25 5.74
CA ALA A 210 12.40 -19.16 4.88
C ALA A 210 12.53 -17.87 4.10
N ARG A 211 12.40 -17.96 2.77
CA ARG A 211 12.68 -16.83 1.88
C ARG A 211 11.40 -16.11 1.47
N HIS A 212 10.47 -15.91 2.41
CA HIS A 212 9.10 -15.49 2.10
C HIS A 212 8.33 -15.18 3.39
N TYR A 213 7.89 -13.93 3.55
CA TYR A 213 7.07 -13.54 4.70
C TYR A 213 5.63 -14.05 4.55
N THR A 214 4.97 -14.28 5.68
CA THR A 214 3.61 -14.85 5.70
C THR A 214 2.78 -14.30 6.85
N LYS A 215 1.47 -14.49 6.75
CA LYS A 215 0.56 -14.18 7.87
C LYS A 215 1.00 -14.87 9.16
N ALA A 216 1.35 -16.15 9.05
CA ALA A 216 1.69 -16.93 10.25
C ALA A 216 2.93 -16.39 10.99
N ILE A 217 3.85 -15.77 10.24
CA ILE A 217 5.04 -15.14 10.83
C ILE A 217 4.65 -13.97 11.73
N ASP A 218 3.63 -13.22 11.31
CA ASP A 218 3.08 -12.16 12.16
C ASP A 218 2.52 -12.77 13.44
N ILE A 219 1.67 -13.79 13.32
CA ILE A 219 1.03 -14.44 14.49
C ILE A 219 2.05 -15.00 15.51
N TRP A 220 3.16 -15.55 15.01
CA TRP A 220 4.31 -15.91 15.87
C TRP A 220 4.83 -14.72 16.68
N ALA A 221 4.89 -13.55 16.04
CA ALA A 221 5.38 -12.35 16.70
C ALA A 221 4.39 -11.87 17.75
N ILE A 222 3.09 -12.01 17.47
CA ILE A 222 2.05 -11.61 18.43
C ILE A 222 2.08 -12.55 19.64
N GLY A 223 2.39 -13.83 19.38
CA GLY A 223 2.63 -14.80 20.44
C GLY A 223 3.70 -14.37 21.42
N CYS A 224 4.85 -13.93 20.89
CA CYS A 224 5.96 -13.48 21.74
C CYS A 224 5.59 -12.27 22.61
N ILE A 225 4.81 -11.34 22.04
CA ILE A 225 4.36 -10.15 22.77
C ILE A 225 3.46 -10.56 23.94
N PHE A 226 2.38 -11.27 23.63
CA PHE A 226 1.48 -11.80 24.66
C PHE A 226 2.24 -12.40 25.83
N ALA A 227 3.14 -13.34 25.55
CA ALA A 227 3.94 -13.95 26.60
C ALA A 227 4.72 -12.86 27.33
N GLU A 228 5.30 -11.93 26.56
CA GLU A 228 6.03 -10.80 27.13
C GLU A 228 5.14 -9.99 28.08
N LEU A 229 3.88 -9.76 27.69
CA LEU A 229 2.93 -8.98 28.52
C LEU A 229 2.63 -9.66 29.84
N LEU A 230 2.37 -10.98 29.80
CA LEU A 230 2.01 -11.74 30.98
C LEU A 230 3.15 -11.81 32.00
N THR A 231 4.39 -11.93 31.50
CA THR A 231 5.59 -12.13 32.34
C THR A 231 6.51 -10.91 32.51
N SER A 232 6.42 -9.94 31.59
CA SER A 232 7.28 -8.74 31.55
C SER A 232 8.72 -8.97 31.10
N GLU A 233 9.07 -10.21 30.73
CA GLU A 233 10.36 -10.55 30.12
C GLU A 233 10.08 -10.93 28.67
N PRO A 234 11.05 -10.75 27.76
CA PRO A 234 10.85 -11.32 26.43
C PRO A 234 10.97 -12.83 26.51
N ILE A 235 10.05 -13.55 25.86
CA ILE A 235 10.03 -14.99 25.97
C ILE A 235 11.34 -15.55 25.40
N PHE A 236 11.74 -15.09 24.22
CA PHE A 236 12.95 -15.57 23.55
C PHE A 236 14.11 -14.56 23.58
N HIS A 237 14.31 -13.93 24.73
CA HIS A 237 15.42 -12.99 24.99
C HIS A 237 16.77 -13.64 24.67
N CYS A 238 17.66 -12.90 24.01
CA CYS A 238 18.91 -13.49 23.49
C CYS A 238 19.92 -12.43 23.08
N ARG A 239 21.21 -12.71 23.28
CA ARG A 239 22.30 -11.85 22.79
C ARG A 239 22.53 -12.03 21.27
N GLN A 240 23.00 -10.97 20.59
CA GLN A 240 23.28 -11.00 19.15
C GLN A 240 24.77 -10.90 18.86
N ASN A 247 23.64 -13.46 7.30
CA ASN A 247 22.87 -14.62 6.87
C ASN A 247 21.54 -14.75 7.62
N PRO A 248 20.58 -15.52 7.08
CA PRO A 248 19.28 -15.71 7.78
C PRO A 248 19.32 -16.68 8.96
N TYR A 249 20.25 -17.64 8.93
CA TYR A 249 20.44 -18.62 10.01
C TYR A 249 21.08 -17.96 11.21
N HIS A 250 20.40 -18.00 12.36
CA HIS A 250 20.95 -17.42 13.59
C HIS A 250 20.92 -18.41 14.76
N HIS A 251 22.07 -19.04 15.02
CA HIS A 251 22.20 -20.17 15.96
C HIS A 251 21.74 -19.87 17.40
N ASP A 252 22.38 -18.93 18.09
CA ASP A 252 22.08 -18.67 19.50
C ASP A 252 20.57 -18.38 19.71
N GLN A 253 19.98 -17.58 18.82
CA GLN A 253 18.54 -17.30 18.86
C GLN A 253 17.68 -18.57 18.80
N LEU A 254 18.09 -19.53 17.98
CA LEU A 254 17.45 -20.85 17.92
C LEU A 254 17.60 -21.62 19.26
N ASP A 255 18.81 -21.68 19.80
CA ASP A 255 19.07 -22.33 21.10
C ASP A 255 18.12 -21.84 22.18
N ARG A 256 17.81 -20.54 22.17
CA ARG A 256 16.84 -19.97 23.11
C ARG A 256 15.40 -20.44 22.88
N ILE A 257 14.95 -20.45 21.63
CA ILE A 257 13.61 -20.94 21.33
C ILE A 257 13.48 -22.35 21.92
N PHE A 258 14.44 -23.21 21.61
CA PHE A 258 14.40 -24.59 22.07
C PHE A 258 14.55 -24.71 23.60
N ASN A 259 15.41 -23.89 24.20
CA ASN A 259 15.50 -23.81 25.67
C ASN A 259 14.13 -23.49 26.31
N VAL A 260 13.33 -22.68 25.63
CA VAL A 260 12.00 -22.32 26.12
C VAL A 260 10.98 -23.36 25.66
N MET A 261 10.87 -23.51 24.34
CA MET A 261 9.79 -24.30 23.70
C MET A 261 10.00 -25.80 23.72
N GLY A 262 11.26 -26.23 23.61
CA GLY A 262 11.62 -27.63 23.38
C GLY A 262 11.91 -27.88 21.91
N PHE A 263 12.54 -29.00 21.59
CA PHE A 263 12.92 -29.32 20.22
C PHE A 263 11.76 -29.98 19.51
N PRO A 264 11.39 -29.50 18.31
CA PRO A 264 10.17 -30.03 17.64
C PRO A 264 10.31 -31.48 17.22
N ALA A 265 9.33 -32.32 17.58
CA ALA A 265 9.25 -33.68 17.06
C ALA A 265 8.86 -33.66 15.58
N ASP A 266 9.47 -34.54 14.78
CA ASP A 266 9.08 -34.72 13.35
C ASP A 266 7.59 -34.53 13.12
N LYS A 267 6.79 -35.20 13.96
CA LYS A 267 5.31 -35.16 13.93
C LYS A 267 4.73 -33.75 14.12
N ASP A 268 5.35 -32.97 15.00
CA ASP A 268 4.93 -31.59 15.28
C ASP A 268 5.10 -30.67 14.06
N TRP A 269 6.24 -30.79 13.37
CA TRP A 269 6.58 -29.97 12.20
C TRP A 269 7.22 -30.84 11.09
N GLU A 270 6.38 -31.41 10.23
CA GLU A 270 6.82 -32.43 9.26
C GLU A 270 7.72 -31.86 8.17
N ASP A 271 7.37 -30.69 7.67
CA ASP A 271 8.14 -30.06 6.59
C ASP A 271 9.27 -29.15 7.08
N ILE A 272 9.74 -29.36 8.30
CA ILE A 272 10.96 -28.69 8.77
C ILE A 272 12.13 -29.06 7.83
N LYS A 273 12.13 -30.31 7.36
CA LYS A 273 13.12 -30.82 6.39
C LYS A 273 13.17 -30.03 5.07
N LYS A 274 12.05 -29.42 4.68
CA LYS A 274 12.02 -28.57 3.48
C LYS A 274 12.67 -27.17 3.65
N MET A 275 12.94 -26.75 4.90
CA MET A 275 13.57 -25.45 5.17
C MET A 275 15.04 -25.45 4.69
N PRO A 276 15.49 -24.35 4.07
CA PRO A 276 16.81 -24.37 3.44
C PRO A 276 18.01 -24.58 4.38
N GLU A 277 17.90 -24.14 5.63
CA GLU A 277 18.98 -24.30 6.61
C GLU A 277 18.66 -25.43 7.59
N HIS A 278 18.00 -26.47 7.09
CA HIS A 278 17.61 -27.61 7.91
C HIS A 278 18.78 -28.50 8.25
N SER A 279 19.58 -28.88 7.26
CA SER A 279 20.69 -29.80 7.54
C SER A 279 21.74 -29.15 8.44
N THR A 280 21.89 -27.82 8.32
CA THR A 280 22.73 -27.04 9.24
C THR A 280 22.17 -27.10 10.66
N LEU A 281 20.85 -27.04 10.80
CA LEU A 281 20.19 -27.24 12.10
C LEU A 281 20.56 -28.59 12.67
N MET A 282 20.43 -29.62 11.85
CA MET A 282 20.82 -30.97 12.24
C MET A 282 22.33 -31.06 12.56
N LYS A 283 23.16 -30.23 11.92
CA LYS A 283 24.59 -30.19 12.23
C LYS A 283 24.89 -29.65 13.63
N ASP A 284 24.23 -28.55 14.01
CA ASP A 284 24.58 -27.79 15.20
C ASP A 284 23.76 -28.10 16.48
N PHE A 285 22.68 -28.88 16.35
CA PHE A 285 21.78 -29.13 17.48
C PHE A 285 21.48 -30.61 17.67
N ARG A 286 21.23 -30.99 18.92
CA ARG A 286 20.82 -32.34 19.29
C ARG A 286 19.52 -32.32 20.09
N ARG A 287 18.49 -32.96 19.52
CA ARG A 287 17.16 -33.05 20.12
C ARG A 287 17.21 -33.30 21.63
N ASN A 288 18.07 -34.21 22.06
CA ASN A 288 18.25 -34.58 23.47
C ASN A 288 18.63 -33.43 24.39
N THR A 289 19.30 -32.41 23.86
CA THR A 289 19.75 -31.30 24.69
C THR A 289 18.55 -30.63 25.37
N TYR A 290 17.44 -30.47 24.64
CA TYR A 290 16.23 -29.81 25.15
C TYR A 290 15.17 -30.82 25.59
N THR A 291 15.62 -31.98 26.06
CA THR A 291 14.70 -32.97 26.61
C THR A 291 14.17 -32.45 27.95
N ASN A 292 12.91 -32.78 28.26
CA ASN A 292 12.27 -32.32 29.50
C ASN A 292 12.41 -30.79 29.72
N CYS A 293 12.15 -30.02 28.68
CA CYS A 293 11.92 -28.59 28.82
C CYS A 293 10.95 -28.09 27.73
N SER A 294 9.91 -27.36 28.18
CA SER A 294 8.74 -27.01 27.36
C SER A 294 8.08 -25.73 27.84
N LEU A 295 7.14 -25.22 27.03
CA LEU A 295 6.48 -23.94 27.31
C LEU A 295 5.71 -23.94 28.62
N ILE A 296 5.14 -25.09 29.00
CA ILE A 296 4.41 -25.21 30.27
C ILE A 296 5.39 -25.04 31.43
N LYS A 297 6.50 -25.76 31.37
CA LYS A 297 7.55 -25.65 32.38
C LYS A 297 8.15 -24.25 32.42
N TYR A 298 8.18 -23.54 31.29
CA TYR A 298 8.64 -22.16 31.25
C TYR A 298 7.63 -21.23 31.90
N MET A 299 6.39 -21.27 31.44
CA MET A 299 5.36 -20.37 31.94
C MET A 299 5.01 -20.65 33.40
N GLU A 300 5.04 -21.93 33.81
CA GLU A 300 4.92 -22.27 35.24
C GLU A 300 5.92 -21.47 36.09
N LYS A 301 7.19 -21.41 35.65
CA LYS A 301 8.26 -20.64 36.35
C LYS A 301 7.91 -19.15 36.50
N HIS A 302 7.20 -18.58 35.54
CA HIS A 302 6.79 -17.17 35.59
C HIS A 302 5.37 -16.93 36.14
N LYS A 303 4.84 -17.90 36.89
CA LYS A 303 3.53 -17.79 37.56
C LYS A 303 2.35 -17.53 36.60
N VAL A 304 2.39 -18.21 35.45
CA VAL A 304 1.22 -18.34 34.56
C VAL A 304 0.78 -19.79 34.59
N LYS A 305 -0.49 -20.01 34.93
CA LYS A 305 -1.01 -21.34 35.21
C LYS A 305 -1.29 -22.07 33.89
N PRO A 306 -0.78 -23.30 33.74
CA PRO A 306 -0.93 -23.99 32.45
C PRO A 306 -2.34 -24.43 32.04
N ASP A 307 -3.29 -24.46 32.98
CA ASP A 307 -4.69 -24.76 32.63
C ASP A 307 -5.56 -23.47 32.54
N SER A 308 -4.92 -22.33 32.29
CA SER A 308 -5.62 -21.06 32.06
C SER A 308 -5.96 -20.92 30.59
N LYS A 309 -7.06 -20.23 30.29
CA LYS A 309 -7.42 -19.96 28.90
C LYS A 309 -6.30 -19.16 28.20
N ALA A 310 -5.76 -18.17 28.93
CA ALA A 310 -4.61 -17.35 28.49
C ALA A 310 -3.40 -18.17 28.00
N PHE A 311 -3.03 -19.20 28.75
CA PHE A 311 -1.93 -20.07 28.35
C PHE A 311 -2.35 -20.87 27.16
N HIS A 312 -3.55 -21.44 27.21
CA HIS A 312 -4.01 -22.33 26.14
C HIS A 312 -4.05 -21.63 24.79
N LEU A 313 -4.33 -20.32 24.81
CA LEU A 313 -4.26 -19.46 23.61
C LEU A 313 -2.83 -19.18 23.20
N LEU A 314 -2.01 -18.70 24.13
CA LEU A 314 -0.59 -18.38 23.87
C LEU A 314 0.10 -19.52 23.10
N GLN A 315 -0.14 -20.73 23.60
CA GLN A 315 0.35 -21.98 23.00
C GLN A 315 -0.01 -22.15 21.52
N LYS A 316 -1.25 -21.80 21.18
CA LYS A 316 -1.72 -21.85 19.79
C LYS A 316 -1.12 -20.75 18.92
N LEU A 317 -0.73 -19.64 19.54
CA LEU A 317 0.02 -18.63 18.80
C LEU A 317 1.46 -19.09 18.66
N LEU A 318 2.11 -19.42 19.77
CA LEU A 318 3.45 -19.99 19.74
C LEU A 318 3.42 -21.48 19.37
N THR A 319 3.09 -21.76 18.12
CA THR A 319 3.17 -23.08 17.49
C THR A 319 4.32 -23.02 16.48
N MET A 320 5.17 -24.04 16.48
CA MET A 320 6.43 -23.98 15.74
C MET A 320 6.23 -24.17 14.24
N ASP A 321 5.42 -25.16 13.84
CA ASP A 321 5.10 -25.39 12.44
C ASP A 321 4.18 -24.26 12.00
N PRO A 322 4.63 -23.41 11.06
CA PRO A 322 3.84 -22.21 10.70
C PRO A 322 2.39 -22.49 10.30
N ILE A 323 2.15 -23.59 9.62
CA ILE A 323 0.79 -23.96 9.20
C ILE A 323 -0.07 -24.61 10.29
N LYS A 324 0.44 -24.69 11.52
CA LYS A 324 -0.31 -25.18 12.70
C LYS A 324 -0.63 -24.09 13.73
N ARG A 325 -0.08 -22.89 13.54
CA ARG A 325 -0.56 -21.69 14.26
C ARG A 325 -1.98 -21.37 13.80
N ILE A 326 -2.80 -20.89 14.73
CA ILE A 326 -4.07 -20.24 14.34
C ILE A 326 -3.89 -18.88 13.66
N THR A 327 -4.92 -18.51 12.89
CA THR A 327 -5.01 -17.22 12.22
C THR A 327 -5.43 -16.18 13.25
N SER A 328 -5.28 -14.90 12.89
CA SER A 328 -5.70 -13.77 13.77
C SER A 328 -7.19 -13.81 14.08
N GLU A 329 -8.01 -14.12 13.07
CA GLU A 329 -9.45 -14.22 13.23
C GLU A 329 -9.82 -15.28 14.29
N GLN A 330 -9.21 -16.46 14.18
CA GLN A 330 -9.50 -17.57 15.08
C GLN A 330 -9.14 -17.23 16.53
N ALA A 331 -7.98 -16.58 16.71
CA ALA A 331 -7.53 -16.13 18.03
C ALA A 331 -8.50 -15.12 18.69
N MET A 332 -9.04 -14.19 17.91
CA MET A 332 -10.06 -13.25 18.41
C MET A 332 -11.29 -13.97 18.92
N GLN A 333 -11.66 -15.07 18.28
CA GLN A 333 -12.75 -15.93 18.76
C GLN A 333 -12.37 -16.91 19.91
N ASP A 334 -11.18 -16.80 20.50
CA ASP A 334 -10.80 -17.67 21.62
C ASP A 334 -11.61 -17.34 22.86
N PRO A 335 -12.07 -18.37 23.60
CA PRO A 335 -12.83 -18.14 24.83
C PRO A 335 -12.13 -17.34 25.94
N TYR A 336 -10.81 -17.23 25.87
CA TYR A 336 -10.08 -16.26 26.68
C TYR A 336 -10.74 -14.86 26.71
N PHE A 337 -11.27 -14.41 25.56
CA PHE A 337 -11.93 -13.10 25.48
C PHE A 337 -13.40 -13.12 25.94
N LEU A 338 -13.93 -14.30 26.25
CA LEU A 338 -15.23 -14.45 26.91
C LEU A 338 -15.09 -14.67 28.43
N GLU A 339 -13.86 -14.88 28.90
CA GLU A 339 -13.58 -15.09 30.31
C GLU A 339 -13.54 -13.74 30.99
N ASP A 340 -14.07 -13.67 32.21
CA ASP A 340 -14.08 -12.42 32.97
C ASP A 340 -12.64 -12.05 33.29
N PRO A 341 -12.24 -10.78 33.06
CA PRO A 341 -13.00 -9.65 32.52
C PRO A 341 -12.90 -9.54 30.99
N LEU A 342 -13.95 -9.01 30.38
CA LEU A 342 -13.97 -8.77 28.94
C LEU A 342 -13.01 -7.66 28.59
N PRO A 343 -12.39 -7.76 27.41
CA PRO A 343 -11.49 -6.69 27.02
C PRO A 343 -12.26 -5.39 26.83
N THR A 344 -11.62 -4.28 27.16
CA THR A 344 -12.22 -2.96 27.11
C THR A 344 -11.60 -2.19 25.98
N SER A 345 -12.36 -1.26 25.38
CA SER A 345 -11.87 -0.40 24.30
C SER A 345 -10.71 0.43 24.75
N ASP A 346 -10.89 1.05 25.93
CA ASP A 346 -9.82 1.70 26.66
C ASP A 346 -9.03 0.61 27.39
N VAL A 347 -7.79 0.40 26.93
CA VAL A 347 -6.82 -0.50 27.55
C VAL A 347 -6.58 -0.15 29.04
N PHE A 348 -6.61 1.14 29.37
CA PHE A 348 -6.33 1.62 30.72
C PHE A 348 -7.50 1.54 31.72
N ALA A 349 -8.63 0.93 31.34
CA ALA A 349 -9.74 0.65 32.26
C ALA A 349 -10.35 1.90 32.92
N GLY A 350 -10.24 3.05 32.25
CA GLY A 350 -10.61 4.35 32.83
C GLY A 350 -9.75 4.85 33.98
N CYS A 351 -8.59 4.20 34.21
CA CYS A 351 -7.73 4.48 35.36
C CYS A 351 -6.80 5.64 35.05
N GLN A 352 -6.13 6.16 36.08
CA GLN A 352 -5.02 7.10 35.89
C GLN A 352 -3.87 6.38 35.17
N ILE A 353 -3.17 7.10 34.30
CA ILE A 353 -2.07 6.52 33.51
C ILE A 353 -0.74 6.83 34.21
N PRO A 354 -0.06 5.81 34.77
CA PRO A 354 1.21 6.02 35.49
C PRO A 354 2.46 6.13 34.61
N TYR A 355 2.32 5.89 33.30
CA TYR A 355 3.45 5.86 32.37
C TYR A 355 3.80 7.29 31.95
N PRO A 356 5.11 7.62 31.89
CA PRO A 356 5.46 8.99 31.57
C PRO A 356 5.34 9.32 30.07
N LYS A 357 5.18 10.61 29.78
CA LYS A 357 5.13 11.12 28.41
C LYS A 357 6.50 10.97 27.71
N ARG A 358 6.48 10.92 26.38
CA ARG A 358 7.69 10.67 25.60
C ARG A 358 8.64 11.85 25.73
N GLU A 359 9.89 11.58 26.08
CA GLU A 359 10.91 12.63 26.19
C GLU A 359 11.35 13.12 24.82
N PHE A 360 11.71 14.40 24.74
CA PHE A 360 12.40 14.97 23.57
C PHE A 360 13.86 14.51 23.60
N LEU A 361 14.65 14.92 22.61
CA LEU A 361 16.06 14.46 22.49
C LEU A 361 17.00 15.62 22.16
N LYS B 3 -1.75 -8.02 -5.10
CA LYS B 3 -2.46 -8.85 -4.06
C LYS B 3 -2.86 -8.01 -2.85
N ALA B 4 -2.01 -7.05 -2.48
CA ALA B 4 -2.32 -6.13 -1.37
C ALA B 4 -3.60 -5.35 -1.65
N MET B 5 -4.37 -5.07 -0.60
CA MET B 5 -5.63 -4.32 -0.69
C MET B 5 -6.60 -4.85 -1.77
N ALA B 6 -6.53 -6.13 -2.06
CA ALA B 6 -7.16 -6.67 -3.28
C ALA B 6 -8.68 -6.60 -3.32
N GLY B 7 -9.33 -6.49 -2.16
CA GLY B 7 -10.81 -6.43 -2.09
C GLY B 7 -11.39 -5.17 -1.47
N ASN B 8 -10.58 -4.11 -1.40
CA ASN B 8 -10.97 -2.89 -0.71
C ASN B 8 -11.62 -1.84 -1.62
N PHE B 9 -12.03 -2.22 -2.83
CA PHE B 9 -12.48 -1.23 -3.81
C PHE B 9 -13.51 -0.26 -3.25
N TRP B 10 -14.54 -0.77 -2.60
CA TRP B 10 -15.64 0.09 -2.14
C TRP B 10 -15.29 1.00 -0.97
N GLN B 11 -14.13 0.80 -0.36
CA GLN B 11 -13.55 1.72 0.64
C GLN B 11 -12.22 2.31 0.12
N SER B 12 -12.01 2.25 -1.19
CA SER B 12 -10.76 2.67 -1.80
C SER B 12 -10.71 4.19 -2.01
N SER B 13 -9.50 4.73 -2.10
CA SER B 13 -9.29 6.11 -2.59
C SER B 13 -9.68 6.23 -4.07
N HIS B 14 -9.39 5.19 -4.84
CA HIS B 14 -9.84 5.07 -6.23
C HIS B 14 -11.33 5.41 -6.30
N TYR B 15 -12.13 4.63 -5.57
CA TYR B 15 -13.59 4.69 -5.68
C TYR B 15 -14.19 5.93 -5.03
N LEU B 16 -13.67 6.30 -3.85
CA LEU B 16 -14.19 7.46 -3.10
C LEU B 16 -13.71 8.85 -3.56
N GLN B 17 -12.65 8.92 -4.38
CA GLN B 17 -12.16 10.21 -4.89
C GLN B 17 -11.87 10.30 -6.39
N TRP B 18 -11.72 9.18 -7.08
CA TRP B 18 -11.24 9.19 -8.49
C TRP B 18 -12.17 8.46 -9.46
N ILE B 19 -13.44 8.31 -9.06
CA ILE B 19 -14.53 7.99 -9.97
C ILE B 19 -15.29 9.30 -10.13
N LEU B 20 -15.05 9.96 -11.25
CA LEU B 20 -15.45 11.33 -11.48
C LEU B 20 -16.82 11.37 -12.17
N ASP B 21 -17.56 12.46 -11.97
CA ASP B 21 -18.81 12.69 -12.69
C ASP B 21 -18.40 13.16 -14.08
N LYS B 22 -19.07 12.65 -15.11
CA LYS B 22 -18.80 12.99 -16.51
C LYS B 22 -18.98 14.49 -16.78
N GLN B 23 -20.05 15.06 -16.24
CA GLN B 23 -20.39 16.46 -16.49
C GLN B 23 -19.39 17.43 -15.86
N ASP B 24 -18.87 17.08 -14.68
CA ASP B 24 -17.69 17.77 -14.11
C ASP B 24 -16.42 17.61 -14.96
N LEU B 25 -16.23 16.43 -15.54
CA LEU B 25 -15.05 16.13 -16.36
C LEU B 25 -14.99 16.96 -17.64
N LEU B 26 -16.12 17.01 -18.35
CA LEU B 26 -16.22 17.74 -19.61
C LEU B 26 -16.29 19.25 -19.41
N LYS B 27 -16.58 19.71 -18.20
CA LYS B 27 -16.61 21.14 -17.89
C LYS B 27 -15.21 21.71 -17.82
N GLU B 28 -14.36 21.09 -17.00
CA GLU B 28 -12.94 21.52 -16.88
C GLU B 28 -12.13 21.21 -18.17
N ARG B 29 -12.71 20.41 -19.07
CA ARG B 29 -12.17 20.15 -20.41
C ARG B 29 -12.45 21.27 -21.42
N GLN B 30 -13.54 22.02 -21.24
CA GLN B 30 -13.87 23.14 -22.14
C GLN B 30 -12.71 24.13 -22.32
N LYS B 31 -11.87 24.24 -21.29
CA LYS B 31 -10.59 24.98 -21.32
C LYS B 31 -9.75 24.73 -22.58
N ASP B 32 -9.39 23.46 -22.80
CA ASP B 32 -8.59 23.06 -23.97
C ASP B 32 -9.41 22.96 -25.27
N LEU B 33 -10.73 22.85 -25.12
CA LEU B 33 -11.63 22.79 -26.28
C LEU B 33 -11.74 24.11 -27.08
N LYS B 34 -11.29 25.21 -26.50
CA LYS B 34 -11.14 26.47 -27.24
C LYS B 34 -10.02 26.41 -28.30
N PHE B 35 -9.01 25.57 -28.06
CA PHE B 35 -7.89 25.36 -28.99
C PHE B 35 -8.02 24.09 -29.83
N LEU B 36 -8.42 22.99 -29.20
CA LEU B 36 -8.67 21.72 -29.88
C LEU B 36 -10.17 21.43 -29.92
N SER B 37 -10.66 20.85 -31.01
CA SER B 37 -12.06 20.39 -31.05
C SER B 37 -12.25 19.12 -30.24
N GLU B 38 -13.51 18.74 -30.05
CA GLU B 38 -13.84 17.53 -29.28
C GLU B 38 -13.17 16.28 -29.85
N GLU B 39 -13.20 16.17 -31.19
CA GLU B 39 -12.59 15.08 -31.93
C GLU B 39 -11.09 15.04 -31.73
N GLU B 40 -10.44 16.18 -31.96
CA GLU B 40 -9.00 16.29 -31.79
C GLU B 40 -8.55 15.86 -30.38
N TYR B 41 -9.31 16.30 -29.38
CA TYR B 41 -8.98 15.99 -27.99
C TYR B 41 -8.99 14.49 -27.68
N TRP B 42 -9.94 13.75 -28.25
CA TRP B 42 -9.96 12.30 -28.01
C TRP B 42 -8.90 11.55 -28.79
N LYS B 43 -8.53 12.08 -29.96
CA LYS B 43 -7.42 11.53 -30.75
C LYS B 43 -6.11 11.70 -29.99
N LEU B 44 -5.93 12.86 -29.37
CA LEU B 44 -4.81 13.08 -28.46
C LEU B 44 -4.78 11.99 -27.40
N GLN B 45 -5.90 11.75 -26.74
CA GLN B 45 -6.01 10.70 -25.70
C GLN B 45 -5.56 9.33 -26.20
N ILE B 46 -6.01 8.93 -27.39
CA ILE B 46 -5.51 7.70 -28.01
C ILE B 46 -3.99 7.76 -28.19
N PHE B 47 -3.50 8.85 -28.78
CA PHE B 47 -2.08 9.01 -29.07
C PHE B 47 -1.20 8.78 -27.86
N PHE B 48 -1.61 9.28 -26.70
CA PHE B 48 -0.81 9.13 -25.49
C PHE B 48 -1.04 7.82 -24.76
N THR B 49 -2.24 7.28 -24.88
CA THR B 49 -2.48 5.91 -24.46
C THR B 49 -1.47 4.99 -25.17
N ASN B 50 -1.28 5.21 -26.46
CA ASN B 50 -0.30 4.46 -27.24
C ASN B 50 1.15 4.82 -26.89
N VAL B 51 1.43 6.08 -26.55
CA VAL B 51 2.80 6.46 -26.15
C VAL B 51 3.19 5.78 -24.84
N ILE B 52 2.29 5.80 -23.85
CA ILE B 52 2.56 5.12 -22.57
C ILE B 52 2.72 3.60 -22.78
N GLN B 53 1.91 3.02 -23.67
CA GLN B 53 2.03 1.61 -24.02
C GLN B 53 3.44 1.25 -24.51
N ALA B 54 3.91 1.97 -25.52
CA ALA B 54 5.25 1.73 -26.10
C ALA B 54 6.35 1.89 -25.06
N LEU B 55 6.20 2.87 -24.17
CA LEU B 55 7.15 3.08 -23.08
C LEU B 55 7.15 1.94 -22.09
N GLY B 56 5.97 1.36 -21.83
CA GLY B 56 5.85 0.13 -21.06
C GLY B 56 6.54 -1.04 -21.75
N GLU B 57 6.12 -1.32 -22.99
CA GLU B 57 6.70 -2.37 -23.81
C GLU B 57 8.23 -2.27 -23.87
N HIS B 58 8.73 -1.10 -24.25
CA HIS B 58 10.17 -0.88 -24.37
C HIS B 58 10.91 -1.23 -23.09
N LEU B 59 10.37 -0.80 -21.94
CA LEU B 59 11.00 -1.04 -20.64
C LEU B 59 10.79 -2.46 -20.04
N LYS B 60 10.12 -3.36 -20.76
CA LYS B 60 9.68 -4.66 -20.23
C LYS B 60 8.90 -4.48 -18.92
N LEU B 61 7.59 -4.35 -19.02
CA LEU B 61 6.72 -4.11 -17.86
C LEU B 61 5.38 -4.80 -18.04
N ARG B 62 4.84 -5.36 -16.95
CA ARG B 62 3.56 -6.07 -16.99
C ARG B 62 2.48 -5.07 -17.35
N GLN B 63 1.44 -5.53 -18.03
CA GLN B 63 0.31 -4.69 -18.46
C GLN B 63 -0.42 -3.98 -17.27
N GLN B 64 -0.38 -4.58 -16.10
CA GLN B 64 -0.92 -3.92 -14.91
C GLN B 64 -0.18 -2.61 -14.59
N VAL B 65 1.15 -2.59 -14.74
CA VAL B 65 1.93 -1.35 -14.52
C VAL B 65 1.60 -0.26 -15.55
N ILE B 66 1.33 -0.67 -16.78
CA ILE B 66 0.99 0.28 -17.85
C ILE B 66 -0.36 0.94 -17.61
N ALA B 67 -1.34 0.15 -17.17
CA ALA B 67 -2.68 0.67 -16.83
C ALA B 67 -2.64 1.66 -15.68
N THR B 68 -1.89 1.33 -14.63
CA THR B 68 -1.68 2.26 -13.54
C THR B 68 -1.09 3.56 -14.08
N ALA B 69 -0.01 3.45 -14.86
CA ALA B 69 0.65 4.63 -15.46
C ALA B 69 -0.38 5.44 -16.24
N THR B 70 -1.11 4.73 -17.12
CA THR B 70 -2.13 5.32 -17.95
C THR B 70 -3.23 5.96 -17.11
N VAL B 71 -3.56 5.40 -15.96
CA VAL B 71 -4.54 6.05 -15.08
C VAL B 71 -4.01 7.37 -14.48
N TYR B 72 -2.74 7.40 -14.08
CA TYR B 72 -2.10 8.62 -13.53
C TYR B 72 -2.04 9.77 -14.57
N PHE B 73 -1.91 9.43 -15.84
CA PHE B 73 -1.85 10.39 -16.91
C PHE B 73 -3.22 10.97 -17.11
N LYS B 74 -4.24 10.11 -17.10
CA LYS B 74 -5.63 10.56 -17.25
C LYS B 74 -5.98 11.49 -16.10
N ARG B 75 -5.76 11.05 -14.88
CA ARG B 75 -6.17 11.80 -13.69
C ARG B 75 -5.58 13.19 -13.65
N PHE B 76 -4.31 13.33 -14.02
CA PHE B 76 -3.66 14.65 -14.06
C PHE B 76 -4.40 15.58 -15.02
N TYR B 77 -4.40 15.23 -16.30
CA TYR B 77 -5.10 16.02 -17.33
C TYR B 77 -6.63 15.94 -17.28
N ALA B 78 -7.19 15.09 -16.42
CA ALA B 78 -8.62 15.06 -16.17
C ALA B 78 -9.11 16.36 -15.56
N ARG B 79 -8.28 16.98 -14.73
CA ARG B 79 -8.59 18.25 -14.06
C ARG B 79 -7.68 19.43 -14.44
N TYR B 80 -6.63 19.20 -15.23
CA TYR B 80 -5.70 20.26 -15.66
C TYR B 80 -5.54 20.33 -17.18
N SER B 81 -5.12 21.51 -17.63
CA SER B 81 -5.01 21.83 -19.04
C SER B 81 -3.74 21.21 -19.59
N LEU B 82 -3.79 20.85 -20.88
CA LEU B 82 -2.64 20.33 -21.63
C LEU B 82 -1.45 21.30 -21.70
N LYS B 83 -1.64 22.58 -21.41
CA LYS B 83 -0.53 23.53 -21.31
C LYS B 83 0.25 23.43 -20.01
N SER B 84 -0.36 22.87 -18.95
CA SER B 84 0.20 23.00 -17.59
C SER B 84 1.57 22.34 -17.46
N ILE B 85 1.64 21.04 -17.76
CA ILE B 85 2.92 20.33 -17.96
C ILE B 85 2.87 19.67 -19.34
N ASP B 86 4.01 19.56 -20.00
CA ASP B 86 4.09 18.92 -21.31
C ASP B 86 3.68 17.44 -21.19
N PRO B 87 2.74 16.97 -22.03
CA PRO B 87 2.41 15.55 -21.97
C PRO B 87 3.54 14.60 -22.37
N VAL B 88 4.49 15.06 -23.18
CA VAL B 88 5.68 14.25 -23.47
C VAL B 88 6.53 14.04 -22.21
N LEU B 89 6.57 15.05 -21.33
CA LEU B 89 7.22 14.88 -20.02
C LEU B 89 6.37 14.02 -19.09
N MET B 90 5.07 14.28 -19.06
CA MET B 90 4.15 13.63 -18.11
C MET B 90 3.97 12.13 -18.36
N ALA B 91 4.16 11.68 -19.60
CA ALA B 91 3.97 10.27 -19.95
C ALA B 91 4.98 9.36 -19.25
N PRO B 92 6.28 9.54 -19.52
CA PRO B 92 7.26 8.68 -18.87
C PRO B 92 7.29 8.87 -17.34
N THR B 93 6.98 10.08 -16.86
CA THR B 93 6.89 10.31 -15.43
C THR B 93 5.85 9.40 -14.79
N CYS B 94 4.74 9.15 -15.49
CA CYS B 94 3.68 8.27 -14.98
C CYS B 94 4.15 6.82 -14.92
N VAL B 95 4.88 6.40 -15.96
CA VAL B 95 5.50 5.06 -15.98
C VAL B 95 6.51 4.94 -14.82
N PHE B 96 7.36 5.94 -14.67
CA PHE B 96 8.35 5.97 -13.60
C PHE B 96 7.71 5.77 -12.22
N LEU B 97 6.62 6.48 -11.97
CA LEU B 97 5.91 6.39 -10.67
C LEU B 97 5.15 5.08 -10.51
N ALA B 98 4.43 4.67 -11.56
CA ALA B 98 3.71 3.40 -11.54
C ALA B 98 4.63 2.23 -11.24
N SER B 99 5.79 2.21 -11.90
CA SER B 99 6.79 1.15 -11.69
C SER B 99 7.22 1.04 -10.23
N LYS B 100 7.26 2.17 -9.53
CA LYS B 100 7.53 2.20 -8.09
C LYS B 100 6.35 1.70 -7.30
N VAL B 101 5.17 2.28 -7.55
CA VAL B 101 3.94 1.92 -6.85
C VAL B 101 3.58 0.42 -7.01
N GLU B 102 3.80 -0.10 -8.21
CA GLU B 102 3.57 -1.53 -8.51
C GLU B 102 4.81 -2.44 -8.28
N GLU B 103 5.74 -1.99 -7.43
CA GLU B 103 6.78 -2.84 -6.81
C GLU B 103 7.65 -3.69 -7.78
N PHE B 104 7.86 -3.18 -9.00
CA PHE B 104 8.82 -3.80 -9.93
C PHE B 104 10.21 -3.15 -9.82
N GLY B 105 10.28 -1.94 -9.23
CA GLY B 105 11.55 -1.24 -8.97
C GLY B 105 11.61 0.15 -9.59
N VAL B 106 12.65 0.89 -9.22
CA VAL B 106 12.97 2.18 -9.84
C VAL B 106 13.60 1.90 -11.21
N VAL B 107 13.04 2.48 -12.28
CA VAL B 107 13.68 2.45 -13.61
C VAL B 107 14.81 3.47 -13.57
N SER B 108 16.00 3.08 -14.01
CA SER B 108 17.20 3.90 -13.78
C SER B 108 17.18 5.21 -14.58
N ASN B 109 17.93 6.19 -14.08
CA ASN B 109 18.09 7.48 -14.75
C ASN B 109 18.35 7.25 -16.23
N THR B 110 19.46 6.58 -16.53
CA THR B 110 19.88 6.29 -17.91
C THR B 110 18.84 5.50 -18.68
N ARG B 111 18.33 4.44 -18.06
CA ARG B 111 17.39 3.54 -18.75
C ARG B 111 16.05 4.21 -19.04
N LEU B 112 15.57 5.04 -18.12
CA LEU B 112 14.28 5.73 -18.33
C LEU B 112 14.37 6.73 -19.48
N ILE B 113 15.40 7.55 -19.46
CA ILE B 113 15.62 8.57 -20.48
C ILE B 113 15.93 7.99 -21.88
N ALA B 114 16.67 6.88 -21.92
CA ALA B 114 16.89 6.15 -23.19
C ALA B 114 15.58 5.56 -23.72
N ALA B 115 14.71 5.14 -22.80
CA ALA B 115 13.40 4.58 -23.14
C ALA B 115 12.52 5.63 -23.83
N ALA B 116 12.46 6.84 -23.24
CA ALA B 116 11.73 7.97 -23.83
C ALA B 116 12.31 8.30 -25.18
N THR B 117 13.62 8.52 -25.21
CA THR B 117 14.33 8.96 -26.40
C THR B 117 14.12 8.02 -27.57
N SER B 118 14.20 6.72 -27.30
CA SER B 118 14.15 5.69 -28.34
C SER B 118 12.75 5.52 -28.91
N VAL B 119 11.75 5.49 -28.04
CA VAL B 119 10.36 5.23 -28.46
C VAL B 119 9.79 6.36 -29.31
N LEU B 120 9.98 7.59 -28.87
CA LEU B 120 9.56 8.73 -29.70
C LEU B 120 10.36 8.77 -31.03
N LYS B 121 11.66 8.47 -30.97
CA LYS B 121 12.52 8.37 -32.16
C LYS B 121 12.09 7.24 -33.10
N THR B 122 11.65 6.12 -32.52
CA THR B 122 11.31 4.92 -33.30
C THR B 122 9.84 4.87 -33.67
N ARG B 123 9.00 4.75 -32.64
CA ARG B 123 7.60 4.45 -32.80
C ARG B 123 6.80 5.66 -33.26
N PHE B 124 7.22 6.86 -32.87
CA PHE B 124 6.47 8.09 -33.13
C PHE B 124 7.24 9.18 -33.88
N SER B 125 8.16 8.74 -34.76
CA SER B 125 8.97 9.66 -35.56
C SER B 125 8.14 10.77 -36.25
N TYR B 126 6.98 10.39 -36.79
CA TYR B 126 6.04 11.30 -37.49
C TYR B 126 5.54 12.49 -36.66
N ALA B 127 5.30 12.28 -35.37
CA ALA B 127 4.81 13.34 -34.49
C ALA B 127 5.96 14.23 -33.98
N PHE B 128 7.16 13.67 -33.82
CA PHE B 128 8.27 14.35 -33.15
C PHE B 128 9.55 14.29 -33.99
N PRO B 129 9.84 15.37 -34.74
CA PRO B 129 11.05 15.41 -35.56
C PRO B 129 12.31 15.84 -34.78
N LYS B 130 12.14 16.48 -33.62
CA LYS B 130 13.26 16.79 -32.71
C LYS B 130 13.35 15.71 -31.63
N GLU B 131 14.57 15.49 -31.13
CA GLU B 131 14.84 14.44 -30.13
C GLU B 131 14.10 14.73 -28.82
N PHE B 132 13.75 13.68 -28.07
CA PHE B 132 13.21 13.84 -26.71
C PHE B 132 14.12 14.80 -25.92
N PRO B 133 13.58 15.92 -25.41
CA PRO B 133 14.43 16.96 -24.83
C PRO B 133 14.73 16.86 -23.33
N TYR B 134 13.92 16.16 -22.56
CA TYR B 134 14.00 16.24 -21.09
C TYR B 134 15.05 15.33 -20.47
N ARG B 135 15.70 15.85 -19.44
CA ARG B 135 16.66 15.15 -18.61
C ARG B 135 15.97 14.71 -17.31
N MET B 136 16.69 13.96 -16.48
CA MET B 136 16.11 13.26 -15.36
C MET B 136 15.62 14.18 -14.26
N ASN B 137 16.31 15.29 -14.04
CA ASN B 137 15.81 16.30 -13.11
C ASN B 137 14.36 16.74 -13.44
N HIS B 138 14.03 16.79 -14.74
CA HIS B 138 12.68 17.15 -15.15
C HIS B 138 11.67 16.13 -14.64
N ILE B 139 11.94 14.86 -14.90
CA ILE B 139 11.04 13.77 -14.48
C ILE B 139 10.81 13.87 -12.97
N LEU B 140 11.90 13.99 -12.23
CA LEU B 140 11.81 14.11 -10.78
C LEU B 140 10.94 15.28 -10.32
N GLU B 141 10.98 16.41 -11.05
CA GLU B 141 10.19 17.60 -10.68
C GLU B 141 8.72 17.36 -10.95
N CYS B 142 8.42 16.93 -12.17
CA CYS B 142 7.06 16.61 -12.62
C CYS B 142 6.36 15.58 -11.75
N GLU B 143 7.15 14.62 -11.23
CA GLU B 143 6.67 13.56 -10.34
C GLU B 143 5.99 14.14 -9.10
N PHE B 144 6.68 15.06 -8.43
CA PHE B 144 6.09 15.78 -7.29
C PHE B 144 4.76 16.42 -7.67
N TYR B 145 4.72 17.16 -8.78
CA TYR B 145 3.48 17.80 -9.24
C TYR B 145 2.39 16.76 -9.53
N LEU B 146 2.79 15.59 -10.01
CA LEU B 146 1.85 14.48 -10.28
C LEU B 146 1.32 13.85 -9.01
N LEU B 147 2.18 13.72 -7.99
CA LEU B 147 1.82 13.07 -6.73
C LEU B 147 0.92 13.95 -5.88
N GLU B 148 1.15 15.26 -5.98
CA GLU B 148 0.32 16.27 -5.29
C GLU B 148 -1.05 16.32 -5.94
N LEU B 149 -1.08 16.30 -7.27
CA LEU B 149 -2.36 16.39 -8.00
C LEU B 149 -3.26 15.19 -7.73
N MET B 150 -2.67 14.00 -7.66
CA MET B 150 -3.41 12.78 -7.27
C MET B 150 -3.82 12.69 -5.78
N ASP B 151 -3.44 13.67 -4.96
CA ASP B 151 -3.68 13.65 -3.51
C ASP B 151 -3.07 12.36 -2.91
N CYS B 152 -1.89 11.99 -3.40
CA CYS B 152 -1.18 10.76 -3.02
C CYS B 152 -2.01 9.49 -3.16
N CYS B 153 -2.94 9.46 -4.12
CA CYS B 153 -3.77 8.28 -4.38
C CYS B 153 -3.06 7.44 -5.43
N LEU B 154 -2.27 6.49 -4.97
CA LEU B 154 -1.40 5.68 -5.82
C LEU B 154 -1.98 4.31 -6.24
N ILE B 155 -2.62 3.60 -5.31
CA ILE B 155 -3.15 2.27 -5.63
C ILE B 155 -4.36 2.40 -6.53
N VAL B 156 -4.36 1.61 -7.61
CA VAL B 156 -5.34 1.69 -8.69
C VAL B 156 -5.86 0.31 -9.04
N TYR B 157 -7.19 0.17 -9.07
CA TYR B 157 -7.86 -1.06 -9.44
C TYR B 157 -8.07 -1.07 -10.96
N HIS B 158 -7.85 -2.22 -11.59
CA HIS B 158 -8.07 -2.38 -13.05
C HIS B 158 -9.00 -3.57 -13.34
N PRO B 159 -9.60 -3.61 -14.56
CA PRO B 159 -10.60 -4.64 -14.89
C PRO B 159 -10.10 -6.08 -15.08
N TYR B 160 -8.79 -6.28 -15.17
CA TYR B 160 -8.24 -7.56 -15.57
C TYR B 160 -8.53 -8.62 -14.52
N ARG B 161 -8.53 -8.24 -13.23
CA ARG B 161 -8.85 -9.18 -12.15
C ARG B 161 -10.32 -9.63 -12.21
N PRO B 162 -11.28 -8.68 -12.16
CA PRO B 162 -12.66 -9.12 -12.27
C PRO B 162 -12.97 -9.85 -13.58
N LEU B 163 -12.40 -9.39 -14.70
CA LEU B 163 -12.55 -10.08 -15.98
C LEU B 163 -12.22 -11.55 -15.78
N LEU B 164 -11.02 -11.83 -15.29
CA LEU B 164 -10.56 -13.20 -15.10
C LEU B 164 -11.57 -14.00 -14.27
N GLN B 165 -11.86 -13.51 -13.08
CA GLN B 165 -12.81 -14.17 -12.18
C GLN B 165 -14.11 -14.51 -12.88
N TYR B 166 -14.63 -13.57 -13.66
CA TYR B 166 -15.86 -13.80 -14.38
C TYR B 166 -15.73 -14.97 -15.38
N VAL B 167 -14.75 -14.92 -16.29
CA VAL B 167 -14.63 -15.97 -17.34
C VAL B 167 -14.33 -17.37 -16.79
N GLN B 168 -13.65 -17.42 -15.65
CA GLN B 168 -13.45 -18.67 -14.93
C GLN B 168 -14.79 -19.20 -14.41
N ASP B 169 -15.64 -18.30 -13.91
CA ASP B 169 -17.01 -18.66 -13.47
C ASP B 169 -17.88 -19.16 -14.64
N MET B 170 -17.67 -18.61 -15.84
CA MET B 170 -18.36 -19.08 -17.07
C MET B 170 -17.92 -20.47 -17.52
N GLY B 171 -16.64 -20.78 -17.31
CA GLY B 171 -16.05 -22.03 -17.79
C GLY B 171 -15.67 -22.04 -19.27
N GLN B 172 -15.47 -20.85 -19.84
CA GLN B 172 -14.94 -20.68 -21.20
C GLN B 172 -13.81 -19.65 -21.13
N GLU B 173 -12.78 -19.98 -20.36
CA GLU B 173 -11.59 -19.14 -20.21
C GLU B 173 -10.75 -19.08 -21.50
N ASP B 174 -10.59 -20.22 -22.17
CA ASP B 174 -9.74 -20.30 -23.37
C ASP B 174 -10.29 -19.53 -24.58
N MET B 175 -11.59 -19.58 -24.79
CA MET B 175 -12.23 -18.92 -25.93
C MET B 175 -12.27 -17.39 -25.80
N LEU B 176 -12.54 -16.90 -24.59
CA LEU B 176 -12.92 -15.49 -24.37
C LEU B 176 -11.85 -14.57 -23.78
N LEU B 177 -10.94 -15.15 -22.98
CA LEU B 177 -9.97 -14.36 -22.23
C LEU B 177 -8.98 -13.61 -23.11
N PRO B 178 -8.40 -14.26 -24.14
CA PRO B 178 -7.51 -13.51 -25.01
C PRO B 178 -8.15 -12.27 -25.64
N LEU B 179 -9.39 -12.43 -26.13
CA LEU B 179 -10.11 -11.33 -26.76
C LEU B 179 -10.63 -10.30 -25.77
N ALA B 180 -11.29 -10.77 -24.71
CA ALA B 180 -11.82 -9.85 -23.67
C ALA B 180 -10.72 -8.96 -23.07
N TRP B 181 -9.59 -9.56 -22.72
CA TRP B 181 -8.39 -8.86 -22.20
C TRP B 181 -7.93 -7.72 -23.13
N ARG B 182 -8.01 -7.95 -24.44
CA ARG B 182 -7.60 -6.95 -25.45
C ARG B 182 -8.59 -5.77 -25.48
N ILE B 183 -9.88 -6.09 -25.52
CA ILE B 183 -10.90 -5.07 -25.46
C ILE B 183 -10.68 -4.19 -24.21
N VAL B 184 -10.40 -4.79 -23.06
CA VAL B 184 -10.11 -4.00 -21.86
C VAL B 184 -8.93 -3.05 -22.03
N ASN B 185 -7.83 -3.52 -22.65
CA ASN B 185 -6.69 -2.65 -22.98
C ASN B 185 -7.18 -1.48 -23.81
N ASP B 186 -8.00 -1.80 -24.81
CA ASP B 186 -8.56 -0.78 -25.68
C ASP B 186 -9.47 0.21 -24.98
N THR B 187 -10.02 -0.13 -23.82
CA THR B 187 -10.90 0.80 -23.11
C THR B 187 -10.11 1.97 -22.56
N TYR B 188 -8.82 1.78 -22.34
CA TYR B 188 -7.95 2.88 -21.89
C TYR B 188 -7.76 3.97 -22.95
N ARG B 189 -8.21 3.74 -24.17
CA ARG B 189 -8.30 4.82 -25.15
C ARG B 189 -9.42 5.82 -24.82
N THR B 190 -10.23 5.55 -23.79
CA THR B 190 -11.43 6.34 -23.49
C THR B 190 -11.43 6.86 -22.03
N ASP B 191 -12.49 7.60 -21.67
CA ASP B 191 -12.70 8.11 -20.31
C ASP B 191 -13.18 7.06 -19.31
N LEU B 192 -13.50 5.84 -19.78
CA LEU B 192 -14.15 4.79 -18.96
C LEU B 192 -13.52 4.56 -17.56
N CYS B 193 -12.18 4.50 -17.47
CA CYS B 193 -11.53 4.26 -16.17
C CYS B 193 -11.76 5.36 -15.14
N LEU B 194 -12.08 6.57 -15.60
CA LEU B 194 -12.50 7.64 -14.70
C LEU B 194 -13.98 7.60 -14.29
N LEU B 195 -14.82 6.83 -14.99
CA LEU B 195 -16.28 6.92 -14.85
C LEU B 195 -17.04 5.66 -14.37
N TYR B 196 -16.36 4.50 -14.30
CA TYR B 196 -17.00 3.22 -13.94
C TYR B 196 -16.08 2.29 -13.12
N PRO B 197 -16.65 1.56 -12.14
CA PRO B 197 -15.81 0.58 -11.43
C PRO B 197 -15.23 -0.49 -12.35
N PRO B 198 -14.01 -0.97 -12.07
CA PRO B 198 -13.33 -1.89 -13.01
C PRO B 198 -14.17 -3.10 -13.43
N PHE B 199 -14.90 -3.70 -12.49
CA PHE B 199 -15.72 -4.86 -12.83
C PHE B 199 -16.78 -4.56 -13.88
N MET B 200 -17.28 -3.32 -13.90
CA MET B 200 -18.30 -2.93 -14.88
C MET B 200 -17.70 -2.90 -16.28
N ILE B 201 -16.54 -2.26 -16.38
CA ILE B 201 -15.75 -2.26 -17.61
C ILE B 201 -15.43 -3.70 -18.02
N ALA B 202 -15.13 -4.54 -17.02
CA ALA B 202 -14.92 -5.99 -17.22
C ALA B 202 -16.15 -6.69 -17.85
N LEU B 203 -17.31 -6.45 -17.26
CA LEU B 203 -18.54 -7.02 -17.80
C LEU B 203 -18.75 -6.53 -19.24
N ALA B 204 -18.69 -5.21 -19.40
CA ALA B 204 -18.88 -4.55 -20.69
C ALA B 204 -18.06 -5.18 -21.80
N CYS B 205 -16.74 -5.23 -21.60
CA CYS B 205 -15.81 -5.88 -22.53
C CYS B 205 -16.18 -7.32 -22.78
N LEU B 206 -16.46 -8.04 -21.69
CA LEU B 206 -16.79 -9.47 -21.75
C LEU B 206 -18.06 -9.71 -22.56
N HIS B 207 -19.01 -8.77 -22.51
CA HIS B 207 -20.19 -8.85 -23.34
C HIS B 207 -19.82 -8.77 -24.81
N VAL B 208 -18.98 -7.79 -25.16
CA VAL B 208 -18.57 -7.59 -26.56
C VAL B 208 -17.87 -8.83 -27.10
N ALA B 209 -16.84 -9.28 -26.38
CA ALA B 209 -16.12 -10.52 -26.70
C ALA B 209 -17.08 -11.63 -27.13
N CYS B 210 -18.10 -11.88 -26.31
CA CYS B 210 -19.08 -12.95 -26.59
C CYS B 210 -19.92 -12.68 -27.84
N VAL B 211 -20.20 -11.40 -28.11
CA VAL B 211 -20.96 -10.99 -29.30
C VAL B 211 -20.08 -11.07 -30.55
N VAL B 212 -18.81 -10.66 -30.41
CA VAL B 212 -17.84 -10.80 -31.50
C VAL B 212 -17.57 -12.29 -31.77
N GLN B 213 -17.60 -13.11 -30.72
CA GLN B 213 -17.35 -14.57 -30.85
C GLN B 213 -18.64 -15.40 -30.97
N GLN B 214 -19.78 -14.73 -31.19
CA GLN B 214 -21.10 -15.36 -31.36
C GLN B 214 -21.59 -16.29 -30.24
N LYS B 215 -20.96 -16.24 -29.07
CA LYS B 215 -21.27 -17.14 -27.98
C LYS B 215 -22.44 -16.54 -27.22
N ASP B 216 -23.50 -17.32 -26.99
CA ASP B 216 -24.65 -16.87 -26.20
C ASP B 216 -24.26 -16.98 -24.74
N ALA B 217 -24.41 -15.89 -24.00
CA ALA B 217 -24.22 -15.88 -22.54
C ALA B 217 -25.33 -15.11 -21.85
N ARG B 218 -26.51 -15.06 -22.46
CA ARG B 218 -27.65 -14.26 -21.96
C ARG B 218 -28.03 -14.65 -20.53
N GLN B 219 -28.21 -15.94 -20.29
CA GLN B 219 -28.62 -16.45 -18.97
C GLN B 219 -27.59 -16.15 -17.91
N TRP B 220 -26.31 -16.30 -18.25
CA TRP B 220 -25.24 -15.96 -17.34
C TRP B 220 -25.28 -14.49 -16.96
N PHE B 221 -25.52 -13.63 -17.95
CA PHE B 221 -25.64 -12.18 -17.75
C PHE B 221 -26.90 -11.81 -16.96
N ALA B 222 -28.05 -12.37 -17.34
CA ALA B 222 -29.33 -12.22 -16.61
C ALA B 222 -29.19 -12.48 -15.10
N GLU B 223 -28.42 -13.51 -14.76
CA GLU B 223 -28.22 -13.93 -13.37
C GLU B 223 -27.38 -12.99 -12.49
N LEU B 224 -26.78 -11.94 -13.06
CA LEU B 224 -25.99 -10.97 -12.26
C LEU B 224 -26.86 -9.86 -11.65
N SER B 225 -26.45 -9.39 -10.47
CA SER B 225 -27.16 -8.34 -9.72
C SER B 225 -26.48 -6.99 -9.88
N VAL B 226 -26.46 -6.48 -11.12
CA VAL B 226 -25.81 -5.21 -11.51
C VAL B 226 -26.76 -4.35 -12.34
N ASP B 227 -26.61 -3.02 -12.28
CA ASP B 227 -27.47 -2.11 -13.07
C ASP B 227 -27.08 -2.21 -14.55
N MET B 228 -27.78 -3.08 -15.28
CA MET B 228 -27.45 -3.35 -16.69
C MET B 228 -27.57 -2.12 -17.60
N GLU B 229 -28.34 -1.10 -17.19
CA GLU B 229 -28.37 0.19 -17.87
C GLU B 229 -26.97 0.80 -17.98
N LYS B 230 -26.26 0.78 -16.84
CA LYS B 230 -24.88 1.29 -16.75
C LYS B 230 -23.90 0.50 -17.60
N ILE B 231 -24.12 -0.80 -17.72
CA ILE B 231 -23.28 -1.66 -18.58
C ILE B 231 -23.48 -1.31 -20.07
N LEU B 232 -24.75 -1.09 -20.47
CA LEU B 232 -25.08 -0.67 -21.84
C LEU B 232 -24.41 0.66 -22.20
N GLU B 233 -24.34 1.60 -21.26
CA GLU B 233 -23.55 2.83 -21.46
C GLU B 233 -22.11 2.50 -21.90
N ILE B 234 -21.46 1.55 -21.22
CA ILE B 234 -20.05 1.19 -21.49
C ILE B 234 -19.92 0.42 -22.81
N ILE B 235 -20.87 -0.45 -23.10
CA ILE B 235 -20.87 -1.17 -24.38
C ILE B 235 -20.92 -0.16 -25.52
N ARG B 236 -21.87 0.76 -25.42
CA ARG B 236 -22.06 1.87 -26.37
C ARG B 236 -20.70 2.52 -26.75
N VAL B 237 -19.97 2.94 -25.71
CA VAL B 237 -18.66 3.58 -25.81
C VAL B 237 -17.58 2.65 -26.39
N ILE B 238 -17.55 1.38 -25.98
CA ILE B 238 -16.62 0.41 -26.56
C ILE B 238 -16.89 0.27 -28.06
N LEU B 239 -18.13 -0.04 -28.40
CA LEU B 239 -18.53 -0.19 -29.80
C LEU B 239 -18.15 1.04 -30.66
N LYS B 240 -18.24 2.23 -30.07
CA LYS B 240 -17.91 3.46 -30.78
C LYS B 240 -16.41 3.66 -30.94
N LEU B 241 -15.63 3.45 -29.88
CA LEU B 241 -14.15 3.63 -29.96
C LEU B 241 -13.55 2.88 -31.14
N TYR B 242 -14.13 1.72 -31.48
CA TYR B 242 -13.71 0.95 -32.65
C TYR B 242 -14.05 1.61 -33.97
N GLU B 243 -15.14 2.35 -34.02
CA GLU B 243 -15.46 3.22 -35.16
C GLU B 243 -14.51 4.42 -35.16
N GLN B 244 -14.24 4.97 -33.96
CA GLN B 244 -13.22 6.02 -33.80
C GLN B 244 -11.86 5.53 -34.38
N TRP B 245 -11.50 4.28 -34.08
CA TRP B 245 -10.27 3.63 -34.58
C TRP B 245 -10.19 3.60 -36.09
N LYS B 246 -11.30 3.21 -36.72
CA LYS B 246 -11.38 3.03 -38.17
C LYS B 246 -11.11 4.34 -38.90
N ASN B 247 -11.82 5.39 -38.53
CA ASN B 247 -11.72 6.69 -39.20
C ASN B 247 -10.43 7.46 -38.86
N PHE B 248 -9.96 7.31 -37.62
CA PHE B 248 -8.74 7.98 -37.16
C PHE B 248 -7.50 7.42 -37.87
N ASP B 249 -6.72 8.31 -38.46
CA ASP B 249 -5.52 7.96 -39.22
C ASP B 249 -4.29 8.53 -38.50
N GLU B 250 -4.17 8.18 -37.22
CA GLU B 250 -3.14 8.69 -36.30
C GLU B 250 -1.90 9.25 -36.95
N ARG B 251 -1.27 8.45 -37.80
CA ARG B 251 0.02 8.83 -38.39
C ARG B 251 -0.05 10.05 -39.32
N LYS B 252 -1.09 10.13 -40.15
CA LYS B 252 -1.27 11.29 -41.03
C LYS B 252 -1.65 12.58 -40.29
N GLU B 253 -2.38 12.47 -39.19
CA GLU B 253 -3.02 13.63 -38.55
C GLU B 253 -2.29 14.28 -37.37
N MET B 254 -1.57 13.50 -36.58
CA MET B 254 -1.22 13.90 -35.21
C MET B 254 -0.23 15.07 -35.06
N ALA B 255 0.62 15.30 -36.06
CA ALA B 255 1.58 16.40 -36.00
C ALA B 255 0.82 17.74 -35.97
N THR B 256 -0.18 17.87 -36.87
CA THR B 256 -1.09 19.01 -36.86
C THR B 256 -1.80 19.19 -35.51
N ILE B 257 -2.28 18.09 -34.93
CA ILE B 257 -3.03 18.12 -33.67
C ILE B 257 -2.16 18.44 -32.46
N LEU B 258 -0.93 17.92 -32.45
CA LEU B 258 0.06 18.28 -31.42
C LEU B 258 0.49 19.76 -31.52
N SER B 259 0.44 20.29 -32.74
CA SER B 259 0.71 21.70 -33.01
C SER B 259 -0.36 22.62 -32.39
N LYS B 260 -1.63 22.21 -32.49
CA LYS B 260 -2.78 22.94 -31.92
C LYS B 260 -2.87 22.99 -30.39
N MET B 261 -2.28 22.00 -29.71
CA MET B 261 -2.25 21.99 -28.24
C MET B 261 -1.90 23.36 -27.69
N PRO B 262 -2.62 23.82 -26.64
CA PRO B 262 -2.22 25.07 -26.02
C PRO B 262 -0.83 24.91 -25.42
N LYS B 263 0.05 25.87 -25.69
CA LYS B 263 1.44 25.78 -25.29
C LYS B 263 1.58 26.32 -23.87
N PRO B 264 2.55 25.79 -23.09
CA PRO B 264 2.94 26.37 -21.80
C PRO B 264 3.43 27.80 -21.94
N LYS B 265 3.20 28.63 -20.92
CA LYS B 265 3.84 29.96 -20.80
C LYS B 265 5.07 29.87 -19.90
N PRO B 266 6.29 29.94 -20.48
CA PRO B 266 7.50 30.23 -19.71
C PRO B 266 7.46 31.60 -19.03
N PRO B 267 8.22 31.78 -17.92
CA PRO B 267 8.07 32.96 -17.04
C PRO B 267 8.32 34.34 -17.70
N PRO B 268 7.85 35.44 -17.06
CA PRO B 268 7.93 36.83 -17.57
C PRO B 268 9.16 37.21 -18.42
#